data_8Q8B
#
_entry.id   8Q8B
#
_cell.length_a   77.398
_cell.length_b   77.398
_cell.length_c   82.137
_cell.angle_alpha   90.000
_cell.angle_beta   90.000
_cell.angle_gamma   90.000
#
_symmetry.space_group_name_H-M   'P 43 21 2'
#
loop_
_entity.id
_entity.type
_entity.pdbx_description
1 polymer 'Glutathione S-transferase D1 isoform X1'
2 non-polymer 'SULFATE ION'
3 water water
#
_entity_poly.entity_id   1
_entity_poly.type   'polypeptide(L)'
_entity_poly.pdbx_seq_one_letter_code
;MDFYQLPGSPPCRAVALTAAALDIEMNFKQVNLMNGEHLKPEFLKINPQHTIPTIDDNGFRLWESRAIMTYLADQYGKND
TLYPKDLKKRAIVNQRLYFDMSSLYKSFMDYYYPIIFMKAVKDQAKYENIGTALSFLDKFLEGENYVAGKNMTLADLSIV
STVSTLEALDYDLSKYKNVTRWFAKIKPEIPKYEEYNNAGLKMFKELVNEKLSKK
;
_entity_poly.pdbx_strand_id   A
#
loop_
_chem_comp.id
_chem_comp.type
_chem_comp.name
_chem_comp.formula
SO4 non-polymer 'SULFATE ION' 'O4 S -2'
#
# COMPACT_ATOMS: atom_id res chain seq x y z
N MET A 1 1.26 -7.04 18.65
CA MET A 1 1.20 -5.85 17.82
C MET A 1 -0.24 -5.55 17.39
N ASP A 2 -0.71 -4.33 17.66
CA ASP A 2 -2.03 -3.92 17.20
C ASP A 2 -1.88 -3.16 15.89
N PHE A 3 -2.83 -3.38 14.98
CA PHE A 3 -2.81 -2.81 13.63
C PHE A 3 -4.14 -2.11 13.40
N TYR A 4 -4.12 -0.78 13.49
CA TYR A 4 -5.31 0.04 13.26
C TYR A 4 -5.45 0.32 11.77
N GLN A 5 -6.54 -0.15 11.17
CA GLN A 5 -6.60 -0.23 9.72
C GLN A 5 -8.04 -0.11 9.22
N LEU A 6 -8.13 0.11 7.91
CA LEU A 6 -9.37 0.05 7.14
C LEU A 6 -9.10 -0.87 5.96
N PRO A 7 -9.90 -1.92 5.77
CA PRO A 7 -9.54 -2.96 4.77
C PRO A 7 -9.39 -2.43 3.36
N GLY A 8 -10.19 -1.43 2.96
CA GLY A 8 -10.11 -0.93 1.60
C GLY A 8 -8.95 0.00 1.33
N SER A 9 -8.32 0.51 2.38
CA SER A 9 -7.25 1.50 2.26
C SER A 9 -5.98 0.89 1.66
N PRO A 10 -5.46 1.41 0.54
CA PRO A 10 -4.22 0.85 -0.03
C PRO A 10 -3.08 0.85 0.96
N PRO A 11 -2.81 1.95 1.70
CA PRO A 11 -1.68 1.89 2.64
C PRO A 11 -1.88 0.86 3.73
N CYS A 12 -3.11 0.66 4.18
CA CYS A 12 -3.35 -0.40 5.16
C CYS A 12 -3.04 -1.76 4.56
N ARG A 13 -3.49 -1.98 3.31
CA ARG A 13 -3.20 -3.25 2.68
C ARG A 13 -1.71 -3.44 2.43
N ALA A 14 -0.99 -2.35 2.13
CA ALA A 14 0.46 -2.45 1.97
C ALA A 14 1.10 -2.95 3.26
N VAL A 15 0.66 -2.43 4.41
CA VAL A 15 1.20 -2.91 5.67
C VAL A 15 0.80 -4.36 5.94
N ALA A 16 -0.47 -4.68 5.70
CA ALA A 16 -0.95 -6.05 5.89
C ALA A 16 -0.15 -7.04 5.04
N LEU A 17 0.10 -6.67 3.78
CA LEU A 17 0.89 -7.55 2.93
C LEU A 17 2.32 -7.68 3.42
N THR A 18 2.88 -6.60 3.97
CA THR A 18 4.23 -6.67 4.54
C THR A 18 4.26 -7.63 5.72
N ALA A 19 3.30 -7.51 6.64
CA ALA A 19 3.26 -8.44 7.76
C ALA A 19 3.13 -9.87 7.29
N ALA A 20 2.30 -10.12 6.27
CA ALA A 20 2.15 -11.48 5.75
C ALA A 20 3.45 -11.98 5.14
N ALA A 21 4.14 -11.12 4.37
CA ALA A 21 5.40 -11.53 3.75
C ALA A 21 6.47 -11.81 4.79
N LEU A 22 6.35 -11.23 5.98
CA LEU A 22 7.30 -11.43 7.06
C LEU A 22 6.84 -12.47 8.05
N ASP A 23 5.65 -13.06 7.85
CA ASP A 23 5.08 -14.03 8.79
C ASP A 23 4.90 -13.41 10.17
N ILE A 24 4.41 -12.17 10.20
CA ILE A 24 4.13 -11.44 11.42
C ILE A 24 2.63 -11.51 11.68
N GLU A 25 2.25 -11.99 12.87
CA GLU A 25 0.88 -11.86 13.30
C GLU A 25 0.65 -10.46 13.86
N MET A 26 -0.47 -9.86 13.48
CA MET A 26 -0.92 -8.60 14.05
C MET A 26 -2.36 -8.74 14.50
N ASN A 27 -2.71 -7.98 15.53
CA ASN A 27 -4.07 -7.91 16.03
C ASN A 27 -4.77 -6.77 15.28
N PHE A 28 -5.60 -7.13 14.31
CA PHE A 28 -6.26 -6.13 13.48
C PHE A 28 -7.35 -5.42 14.27
N LYS A 29 -7.38 -4.09 14.18
CA LYS A 29 -8.42 -3.26 14.79
C LYS A 29 -9.05 -2.42 13.69
N GLN A 30 -10.39 -2.40 13.64
CA GLN A 30 -11.12 -1.67 12.60
C GLN A 30 -11.51 -0.30 13.12
N VAL A 31 -11.12 0.75 12.39
CA VAL A 31 -11.30 2.12 12.85
C VAL A 31 -12.52 2.77 12.22
N ASN A 32 -13.50 1.94 11.83
CA ASN A 32 -14.74 2.43 11.22
C ASN A 32 -15.40 3.53 12.03
N LEU A 33 -15.99 3.17 13.17
CA LEU A 33 -16.83 4.07 13.95
C LEU A 33 -16.04 4.99 14.88
N MET A 34 -14.72 5.18 14.67
CA MET A 34 -13.94 5.98 15.60
C MET A 34 -14.28 7.46 15.53
N ASN A 35 -15.00 7.91 14.51
CA ASN A 35 -15.48 9.29 14.43
C ASN A 35 -16.98 9.39 14.69
N GLY A 36 -17.62 8.29 15.09
CA GLY A 36 -19.04 8.32 15.39
C GLY A 36 -19.33 9.03 16.70
N GLU A 37 -20.56 9.52 16.81
CA GLU A 37 -20.93 10.28 18.01
C GLU A 37 -21.04 9.37 19.22
N HIS A 38 -20.80 9.92 20.39
CA HIS A 38 -20.99 9.19 21.68
C HIS A 38 -20.03 8.01 21.84
N LEU A 39 -18.77 8.18 21.44
CA LEU A 39 -17.76 7.14 21.78
C LEU A 39 -17.11 7.66 23.05
N LYS A 40 -16.96 6.81 24.07
CA LYS A 40 -16.40 7.26 25.38
C LYS A 40 -15.02 7.89 25.24
N PRO A 41 -14.68 8.95 26.03
CA PRO A 41 -13.30 9.48 26.01
C PRO A 41 -12.25 8.40 26.25
N GLU A 42 -12.54 7.42 27.10
CA GLU A 42 -11.62 6.31 27.30
C GLU A 42 -11.39 5.54 26.01
N PHE A 43 -12.42 5.42 25.17
CA PHE A 43 -12.25 4.77 23.88
C PHE A 43 -11.52 5.68 22.90
N LEU A 44 -11.74 7.00 22.97
CA LEU A 44 -11.08 7.93 22.07
C LEU A 44 -9.58 8.02 22.34
N LYS A 45 -9.16 7.89 23.60
CA LYS A 45 -7.74 7.99 23.92
C LYS A 45 -6.93 6.85 23.35
N ILE A 46 -7.56 5.71 23.04
CA ILE A 46 -6.86 4.59 22.43
C ILE A 46 -6.78 4.75 20.91
N ASN A 47 -7.75 5.45 20.33
CA ASN A 47 -7.76 5.68 18.89
C ASN A 47 -6.43 6.28 18.44
N PRO A 48 -5.91 5.89 17.29
CA PRO A 48 -4.76 6.61 16.72
C PRO A 48 -5.10 8.07 16.52
N GLN A 49 -4.21 8.94 17.00
CA GLN A 49 -4.43 10.37 16.87
C GLN A 49 -3.95 10.92 15.53
N HIS A 50 -3.19 10.13 14.78
CA HIS A 50 -2.74 10.59 13.46
C HIS A 50 -3.41 9.74 12.38
N THR A 51 -2.66 9.36 11.36
CA THR A 51 -3.29 8.75 10.20
C THR A 51 -3.34 7.24 10.31
N ILE A 52 -4.23 6.65 9.53
CA ILE A 52 -4.39 5.21 9.37
C ILE A 52 -3.60 4.79 8.12
N PRO A 53 -2.82 3.71 8.17
CA PRO A 53 -2.59 2.75 9.26
C PRO A 53 -1.69 3.26 10.37
N THR A 54 -1.94 2.71 11.55
CA THR A 54 -1.07 2.91 12.70
C THR A 54 -0.85 1.54 13.33
N ILE A 55 0.38 1.25 13.74
CA ILE A 55 0.65 0.08 14.56
C ILE A 55 0.98 0.54 15.97
N ASP A 56 0.72 -0.35 16.92
CA ASP A 56 1.14 -0.21 18.30
C ASP A 56 1.89 -1.50 18.59
N ASP A 57 3.21 -1.41 18.67
CA ASP A 57 4.09 -2.56 18.87
C ASP A 57 4.62 -2.44 20.30
N ASN A 58 3.90 -3.09 21.24
CA ASN A 58 4.27 -3.11 22.65
C ASN A 58 4.49 -1.70 23.17
N GLY A 59 3.59 -0.79 22.80
CA GLY A 59 3.65 0.58 23.23
C GLY A 59 4.28 1.54 22.25
N PHE A 60 5.02 1.03 21.27
CA PHE A 60 5.64 1.88 20.27
C PHE A 60 4.61 2.18 19.19
N ARG A 61 4.20 3.43 19.11
CA ARG A 61 3.17 3.83 18.16
C ARG A 61 3.83 4.33 16.89
N LEU A 62 3.38 3.84 15.75
CA LEU A 62 3.97 4.24 14.47
C LEU A 62 2.90 4.37 13.42
N TRP A 63 2.75 5.58 12.89
CA TRP A 63 1.97 5.86 11.69
C TRP A 63 2.91 6.14 10.54
N GLU A 64 2.31 6.24 9.34
CA GLU A 64 2.97 6.42 8.03
C GLU A 64 3.29 5.03 7.48
N SER A 65 2.47 4.55 6.54
CA SER A 65 2.55 3.16 6.09
C SER A 65 3.96 2.77 5.66
N ARG A 66 4.64 3.61 4.90
CA ARG A 66 5.94 3.19 4.39
C ARG A 66 7.00 3.17 5.47
N ALA A 67 6.83 4.00 6.52
CA ALA A 67 7.73 3.89 7.67
C ALA A 67 7.42 2.64 8.48
N ILE A 68 6.14 2.27 8.57
CA ILE A 68 5.78 1.01 9.22
C ILE A 68 6.39 -0.16 8.47
N MET A 69 6.33 -0.12 7.14
CA MET A 69 6.80 -1.24 6.35
C MET A 69 8.29 -1.49 6.55
N THR A 70 9.10 -0.43 6.50
CA THR A 70 10.54 -0.63 6.67
C THR A 70 10.88 -0.97 8.12
N TYR A 71 10.08 -0.49 9.08
CA TYR A 71 10.29 -0.90 10.46
C TYR A 71 10.03 -2.39 10.63
N LEU A 72 8.89 -2.87 10.11
CA LEU A 72 8.58 -4.29 10.25
C LEU A 72 9.64 -5.15 9.56
N ALA A 73 10.08 -4.73 8.37
CA ALA A 73 11.03 -5.55 7.63
C ALA A 73 12.31 -5.74 8.41
N ASP A 74 12.86 -4.66 8.98
CA ASP A 74 14.11 -4.77 9.72
C ASP A 74 13.90 -5.42 11.08
N GLN A 75 12.81 -5.07 11.78
CA GLN A 75 12.65 -5.58 13.14
C GLN A 75 12.25 -7.04 13.15
N TYR A 76 11.53 -7.50 12.13
CA TYR A 76 10.97 -8.84 12.16
C TYR A 76 11.30 -9.70 10.95
N GLY A 77 12.02 -9.18 9.96
CA GLY A 77 12.34 -9.99 8.79
C GLY A 77 13.44 -10.98 9.06
N LYS A 78 13.19 -12.24 8.69
CA LYS A 78 14.22 -13.27 8.85
C LYS A 78 15.37 -13.09 7.87
N ASN A 79 15.06 -12.73 6.62
CA ASN A 79 16.11 -12.57 5.61
C ASN A 79 16.13 -11.15 5.05
N ASP A 80 17.00 -10.96 4.08
CA ASP A 80 17.44 -9.68 3.54
C ASP A 80 16.50 -9.15 2.45
N THR A 81 15.96 -10.04 1.60
CA THR A 81 15.60 -9.63 0.25
C THR A 81 14.46 -8.63 0.21
N LEU A 82 13.55 -8.64 1.19
CA LEU A 82 12.41 -7.73 1.13
C LEU A 82 12.85 -6.28 1.34
N TYR A 83 13.92 -6.07 2.10
CA TYR A 83 14.45 -4.74 2.37
C TYR A 83 15.94 -4.92 2.60
N PRO A 84 16.71 -5.03 1.52
CA PRO A 84 18.11 -5.46 1.64
C PRO A 84 18.91 -4.54 2.54
N LYS A 85 19.80 -5.14 3.32
CA LYS A 85 20.73 -4.36 4.13
C LYS A 85 21.72 -3.60 3.27
N ASP A 86 22.05 -4.14 2.10
CA ASP A 86 22.97 -3.45 1.21
C ASP A 86 22.49 -2.03 0.94
N LEU A 87 23.40 -1.07 1.11
CA LEU A 87 22.95 0.33 1.17
C LEU A 87 22.49 0.84 -0.20
N LYS A 88 23.15 0.44 -1.29
CA LYS A 88 22.68 0.86 -2.61
C LYS A 88 21.32 0.23 -2.93
N LYS A 89 21.15 -1.05 -2.66
CA LYS A 89 19.87 -1.68 -2.92
C LYS A 89 18.79 -1.08 -2.05
N ARG A 90 19.10 -0.85 -0.78
CA ARG A 90 18.13 -0.25 0.12
C ARG A 90 17.75 1.15 -0.35
N ALA A 91 18.72 1.92 -0.83
CA ALA A 91 18.43 3.26 -1.32
C ALA A 91 17.43 3.23 -2.46
N ILE A 92 17.54 2.25 -3.37
CA ILE A 92 16.60 2.19 -4.47
C ILE A 92 15.20 1.80 -3.98
N VAL A 93 15.10 0.90 -3.00
CA VAL A 93 13.79 0.62 -2.41
C VAL A 93 13.22 1.90 -1.78
N ASN A 94 14.05 2.64 -1.05
CA ASN A 94 13.57 3.88 -0.43
C ASN A 94 13.12 4.86 -1.50
N GLN A 95 13.93 5.02 -2.54
CA GLN A 95 13.56 5.90 -3.63
C GLN A 95 12.21 5.52 -4.21
N ARG A 96 12.00 4.23 -4.46
CA ARG A 96 10.74 3.82 -5.07
C ARG A 96 9.56 4.01 -4.10
N LEU A 97 9.81 3.89 -2.79
CA LEU A 97 8.76 4.15 -1.81
C LEU A 97 8.35 5.62 -1.84
N TYR A 98 9.30 6.54 -1.96
CA TYR A 98 8.91 7.95 -2.09
C TYR A 98 8.12 8.18 -3.37
N PHE A 99 8.54 7.54 -4.46
CA PHE A 99 7.79 7.65 -5.72
C PHE A 99 6.38 7.12 -5.55
N ASP A 100 6.25 5.96 -4.93
CA ASP A 100 4.95 5.36 -4.68
C ASP A 100 4.03 6.35 -3.96
N MET A 101 4.54 6.99 -2.90
CA MET A 101 3.73 7.94 -2.15
C MET A 101 3.39 9.17 -2.98
N SER A 102 4.41 9.80 -3.57
CA SER A 102 4.27 11.14 -4.10
C SER A 102 3.69 11.19 -5.50
N SER A 103 3.82 10.10 -6.27
CA SER A 103 3.29 10.02 -7.61
C SER A 103 2.14 9.03 -7.71
N LEU A 104 2.36 7.76 -7.37
CA LEU A 104 1.35 6.75 -7.65
C LEU A 104 0.15 6.87 -6.72
N TYR A 105 0.37 6.81 -5.41
CA TYR A 105 -0.74 6.92 -4.50
C TYR A 105 -1.39 8.30 -4.56
N LYS A 106 -0.57 9.34 -4.68
CA LYS A 106 -1.10 10.69 -4.83
C LYS A 106 -2.05 10.79 -6.02
N SER A 107 -1.64 10.24 -7.17
CA SER A 107 -2.51 10.32 -8.34
C SER A 107 -3.77 9.52 -8.13
N PHE A 108 -3.66 8.35 -7.50
CA PHE A 108 -4.85 7.55 -7.22
C PHE A 108 -5.83 8.32 -6.36
N MET A 109 -5.33 8.92 -5.27
CA MET A 109 -6.23 9.64 -4.36
C MET A 109 -6.82 10.89 -4.99
N ASP A 110 -5.98 11.66 -5.70
CA ASP A 110 -6.46 12.89 -6.32
C ASP A 110 -7.66 12.63 -7.22
N TYR A 111 -7.65 11.50 -7.92
CA TYR A 111 -8.74 11.21 -8.85
C TYR A 111 -9.91 10.51 -8.18
N TYR A 112 -9.65 9.44 -7.42
CA TYR A 112 -10.74 8.60 -6.97
C TYR A 112 -11.38 9.07 -5.67
N TYR A 113 -10.64 9.77 -4.80
CA TYR A 113 -11.24 10.16 -3.52
C TYR A 113 -12.43 11.11 -3.69
N PRO A 114 -12.35 12.20 -4.49
CA PRO A 114 -13.56 13.02 -4.68
C PRO A 114 -14.70 12.23 -5.29
N ILE A 115 -14.43 11.36 -6.25
CA ILE A 115 -15.47 10.55 -6.88
C ILE A 115 -16.07 9.58 -5.87
N ILE A 116 -15.22 8.75 -5.24
CA ILE A 116 -15.73 7.67 -4.40
C ILE A 116 -16.42 8.23 -3.16
N PHE A 117 -15.81 9.22 -2.52
CA PHE A 117 -16.32 9.70 -1.23
C PHE A 117 -17.38 10.77 -1.42
N MET A 118 -17.04 11.86 -2.11
CA MET A 118 -17.92 13.00 -2.27
C MET A 118 -18.86 12.87 -3.47
N LYS A 119 -18.82 11.76 -4.20
CA LYS A 119 -19.61 11.59 -5.42
C LYS A 119 -19.42 12.77 -6.36
N ALA A 120 -18.18 13.24 -6.48
CA ALA A 120 -17.86 14.39 -7.28
C ALA A 120 -17.78 14.03 -8.76
N VAL A 121 -17.77 15.05 -9.61
CA VAL A 121 -17.61 14.87 -11.04
C VAL A 121 -16.14 14.59 -11.34
N LYS A 122 -15.91 13.67 -12.27
CA LYS A 122 -14.54 13.28 -12.63
C LYS A 122 -13.72 14.48 -13.07
N ASP A 123 -12.44 14.48 -12.68
CA ASP A 123 -11.48 15.50 -13.05
C ASP A 123 -10.56 14.89 -14.11
N GLN A 124 -10.71 15.33 -15.36
CA GLN A 124 -9.93 14.74 -16.44
C GLN A 124 -8.45 15.03 -16.29
N ALA A 125 -8.10 16.20 -15.75
CA ALA A 125 -6.69 16.51 -15.52
C ALA A 125 -6.10 15.58 -14.45
N LYS A 126 -6.85 15.32 -13.38
CA LYS A 126 -6.35 14.39 -12.38
C LYS A 126 -6.32 12.96 -12.90
N TYR A 127 -7.27 12.60 -13.79
CA TYR A 127 -7.25 11.26 -14.37
C TYR A 127 -5.95 11.02 -15.13
N GLU A 128 -5.53 11.99 -15.94
CA GLU A 128 -4.30 11.82 -16.71
C GLU A 128 -3.08 11.72 -15.80
N ASN A 129 -3.15 12.23 -14.57
CA ASN A 129 -2.00 12.10 -13.68
C ASN A 129 -1.75 10.66 -13.29
N ILE A 130 -2.79 9.83 -13.24
CA ILE A 130 -2.58 8.40 -13.00
C ILE A 130 -1.72 7.80 -14.11
N GLY A 131 -2.07 8.09 -15.37
CA GLY A 131 -1.28 7.58 -16.47
C GLY A 131 0.15 8.07 -16.44
N THR A 132 0.33 9.32 -16.04
CA THR A 132 1.69 9.84 -15.89
C THR A 132 2.47 9.04 -14.85
N ALA A 133 1.87 8.81 -13.69
CA ALA A 133 2.56 8.00 -12.68
C ALA A 133 2.82 6.60 -13.19
N LEU A 134 1.82 5.99 -13.85
CA LEU A 134 1.98 4.64 -14.35
C LEU A 134 3.05 4.57 -15.45
N SER A 135 3.19 5.63 -16.23
CA SER A 135 4.24 5.64 -17.25
C SER A 135 5.62 5.62 -16.60
N PHE A 136 5.79 6.35 -15.49
CA PHE A 136 7.06 6.30 -14.77
C PHE A 136 7.30 4.91 -14.20
N LEU A 137 6.26 4.30 -13.59
CA LEU A 137 6.40 2.95 -13.07
C LEU A 137 6.75 1.98 -14.18
N ASP A 138 6.10 2.13 -15.33
CA ASP A 138 6.37 1.23 -16.44
C ASP A 138 7.83 1.31 -16.87
N LYS A 139 8.40 2.53 -16.86
CA LYS A 139 9.80 2.69 -17.21
C LYS A 139 10.71 2.04 -16.18
N PHE A 140 10.39 2.20 -14.88
CA PHE A 140 11.21 1.52 -13.87
C PHE A 140 11.23 0.01 -14.10
N LEU A 141 10.15 -0.54 -14.62
CA LEU A 141 10.01 -1.98 -14.78
C LEU A 141 10.57 -2.50 -16.08
N GLU A 142 11.01 -1.62 -16.98
CA GLU A 142 11.55 -2.07 -18.26
C GLU A 142 12.74 -2.97 -18.03
N GLY A 143 12.65 -4.20 -18.53
CA GLY A 143 13.72 -5.16 -18.38
C GLY A 143 13.89 -5.68 -16.98
N GLU A 144 12.93 -5.45 -16.09
CA GLU A 144 13.04 -5.81 -14.70
C GLU A 144 11.92 -6.76 -14.28
N ASN A 145 12.24 -7.65 -13.33
CA ASN A 145 11.23 -8.52 -12.74
C ASN A 145 10.46 -7.84 -11.62
N TYR A 146 11.06 -6.84 -10.97
CA TYR A 146 10.46 -6.21 -9.79
C TYR A 146 10.68 -4.70 -9.89
N VAL A 147 9.99 -3.95 -9.03
CA VAL A 147 9.99 -2.49 -9.19
C VAL A 147 11.24 -1.83 -8.65
N ALA A 148 12.00 -2.49 -7.79
CA ALA A 148 13.09 -1.81 -7.12
C ALA A 148 14.17 -2.80 -6.70
N GLY A 149 14.62 -3.62 -7.65
CA GLY A 149 15.67 -4.57 -7.37
C GLY A 149 15.46 -5.89 -8.06
N LYS A 150 16.37 -6.84 -7.82
CA LYS A 150 16.31 -8.15 -8.45
C LYS A 150 15.37 -9.11 -7.74
N ASN A 151 14.83 -8.74 -6.57
CA ASN A 151 13.88 -9.56 -5.86
C ASN A 151 12.67 -8.71 -5.49
N MET A 152 11.61 -9.38 -5.06
CA MET A 152 10.47 -8.67 -4.49
C MET A 152 10.89 -7.91 -3.24
N THR A 153 10.53 -6.64 -3.18
CA THR A 153 10.86 -5.81 -2.02
C THR A 153 9.59 -5.13 -1.50
N LEU A 154 9.78 -4.38 -0.42
CA LEU A 154 8.68 -3.59 0.12
C LEU A 154 8.06 -2.67 -0.93
N ALA A 155 8.87 -2.19 -1.89
CA ALA A 155 8.33 -1.31 -2.90
C ALA A 155 7.31 -2.02 -3.78
N ASP A 156 7.52 -3.30 -4.07
CA ASP A 156 6.51 -4.07 -4.80
C ASP A 156 5.22 -4.14 -4.02
N LEU A 157 5.32 -4.37 -2.70
CA LEU A 157 4.12 -4.53 -1.89
C LEU A 157 3.35 -3.21 -1.77
N SER A 158 4.06 -2.11 -1.60
CA SER A 158 3.38 -0.82 -1.50
C SER A 158 2.75 -0.45 -2.83
N ILE A 159 3.49 -0.63 -3.92
CA ILE A 159 2.96 -0.24 -5.23
C ILE A 159 1.78 -1.13 -5.62
N VAL A 160 1.85 -2.43 -5.32
CA VAL A 160 0.75 -3.32 -5.71
C VAL A 160 -0.53 -2.96 -4.97
N SER A 161 -0.44 -2.38 -3.77
CA SER A 161 -1.67 -2.05 -3.05
C SER A 161 -2.47 -1.00 -3.81
N THR A 162 -1.80 -0.11 -4.55
CA THR A 162 -2.49 0.87 -5.37
C THR A 162 -2.80 0.36 -6.78
N VAL A 163 -1.85 -0.35 -7.41
CA VAL A 163 -2.08 -0.85 -8.77
C VAL A 163 -3.24 -1.83 -8.77
N SER A 164 -3.30 -2.71 -7.77
CA SER A 164 -4.44 -3.63 -7.71
C SER A 164 -5.75 -2.89 -7.51
N THR A 165 -5.73 -1.76 -6.80
CA THR A 165 -6.96 -0.97 -6.63
C THR A 165 -7.36 -0.33 -7.96
N LEU A 166 -6.39 0.14 -8.73
CA LEU A 166 -6.70 0.67 -10.06
C LEU A 166 -7.41 -0.37 -10.89
N GLU A 167 -6.88 -1.59 -10.95
CA GLU A 167 -7.52 -2.64 -11.72
C GLU A 167 -8.91 -2.97 -11.19
N ALA A 168 -9.06 -2.98 -9.86
CA ALA A 168 -10.36 -3.25 -9.28
C ALA A 168 -11.38 -2.17 -9.64
N LEU A 169 -10.91 -0.96 -9.90
CA LEU A 169 -11.76 0.14 -10.34
C LEU A 169 -11.85 0.24 -11.87
N ASP A 170 -11.46 -0.82 -12.58
CA ASP A 170 -11.59 -0.92 -14.05
C ASP A 170 -10.66 0.05 -14.78
N TYR A 171 -9.56 0.46 -14.16
CA TYR A 171 -8.52 1.17 -14.89
C TYR A 171 -7.74 0.15 -15.72
N ASP A 172 -7.64 0.40 -17.02
CA ASP A 172 -6.98 -0.54 -17.93
C ASP A 172 -5.48 -0.33 -17.87
N LEU A 173 -4.74 -1.39 -17.52
CA LEU A 173 -3.30 -1.33 -17.37
C LEU A 173 -2.54 -1.84 -18.60
N SER A 174 -3.24 -2.28 -19.64
CA SER A 174 -2.61 -3.06 -20.72
C SER A 174 -1.50 -2.27 -21.41
N LYS A 175 -1.73 -0.99 -21.71
CA LYS A 175 -0.73 -0.19 -22.42
C LYS A 175 0.56 -0.06 -21.61
N TYR A 176 0.48 -0.16 -20.28
CA TYR A 176 1.66 -0.25 -19.44
C TYR A 176 2.05 -1.72 -19.41
N LYS A 177 2.75 -2.14 -20.46
CA LYS A 177 3.02 -3.56 -20.65
C LYS A 177 3.92 -4.11 -19.55
N ASN A 178 4.86 -3.30 -19.05
CA ASN A 178 5.70 -3.77 -17.96
C ASN A 178 4.93 -3.81 -16.66
N VAL A 179 4.06 -2.83 -16.42
CA VAL A 179 3.22 -2.87 -15.22
C VAL A 179 2.34 -4.12 -15.24
N THR A 180 1.76 -4.43 -16.40
CA THR A 180 0.86 -5.58 -16.52
C THR A 180 1.61 -6.88 -16.28
N ARG A 181 2.78 -7.03 -16.90
CA ARG A 181 3.62 -8.21 -16.69
C ARG A 181 4.00 -8.34 -15.22
N TRP A 182 4.44 -7.24 -14.62
CA TRP A 182 4.83 -7.27 -13.21
C TRP A 182 3.64 -7.61 -12.32
N PHE A 183 2.49 -6.99 -12.55
CA PHE A 183 1.32 -7.25 -11.71
C PHE A 183 0.90 -8.71 -11.80
N ALA A 184 0.97 -9.30 -12.99
CA ALA A 184 0.58 -10.70 -13.13
C ALA A 184 1.55 -11.63 -12.43
N LYS A 185 2.86 -11.34 -12.49
CA LYS A 185 3.84 -12.22 -11.88
C LYS A 185 3.94 -12.03 -10.37
N ILE A 186 3.58 -10.85 -9.86
CA ILE A 186 3.82 -10.56 -8.45
C ILE A 186 2.74 -11.17 -7.57
N LYS A 187 1.49 -11.20 -8.04
CA LYS A 187 0.39 -11.67 -7.19
C LYS A 187 0.62 -13.08 -6.68
N PRO A 188 1.00 -14.08 -7.51
CA PRO A 188 1.26 -15.42 -6.95
C PRO A 188 2.45 -15.48 -6.02
N GLU A 189 3.35 -14.49 -6.06
CA GLU A 189 4.53 -14.52 -5.19
C GLU A 189 4.28 -13.87 -3.84
N ILE A 190 3.25 -13.03 -3.73
CA ILE A 190 2.96 -12.30 -2.50
C ILE A 190 2.22 -13.21 -1.53
N PRO A 191 2.82 -13.57 -0.40
CA PRO A 191 2.12 -14.43 0.57
C PRO A 191 0.80 -13.81 1.00
N LYS A 192 -0.24 -14.65 1.00
CA LYS A 192 -1.57 -14.27 1.47
C LYS A 192 -2.09 -13.03 0.76
N TYR A 193 -1.75 -12.91 -0.53
CA TYR A 193 -2.22 -11.77 -1.31
C TYR A 193 -3.74 -11.71 -1.32
N GLU A 194 -4.39 -12.86 -1.54
CA GLU A 194 -5.84 -12.90 -1.55
C GLU A 194 -6.44 -12.42 -0.23
N GLU A 195 -5.94 -12.96 0.89
CA GLU A 195 -6.53 -12.61 2.19
C GLU A 195 -6.34 -11.14 2.52
N TYR A 196 -5.13 -10.61 2.32
CA TYR A 196 -4.78 -9.32 2.89
C TYR A 196 -4.78 -8.18 1.88
N ASN A 197 -5.04 -8.45 0.60
CA ASN A 197 -5.18 -7.36 -0.35
C ASN A 197 -6.43 -7.50 -1.21
N ASN A 198 -6.55 -8.65 -1.88
CA ASN A 198 -7.63 -8.82 -2.85
C ASN A 198 -9.00 -8.74 -2.18
N ALA A 199 -9.12 -9.30 -0.98
CA ALA A 199 -10.42 -9.28 -0.29
C ALA A 199 -10.84 -7.86 0.04
N GLY A 200 -9.90 -6.98 0.39
CA GLY A 200 -10.22 -5.60 0.70
C GLY A 200 -10.52 -4.74 -0.50
N LEU A 201 -10.35 -5.26 -1.71
CA LEU A 201 -10.72 -4.54 -2.92
C LEU A 201 -12.22 -4.56 -3.20
N LYS A 202 -12.99 -5.34 -2.44
CA LYS A 202 -14.38 -5.60 -2.78
C LYS A 202 -15.20 -4.32 -2.86
N MET A 203 -14.95 -3.36 -1.96
CA MET A 203 -15.71 -2.11 -2.00
C MET A 203 -15.50 -1.38 -3.32
N PHE A 204 -14.33 -1.52 -3.93
CA PHE A 204 -14.05 -0.84 -5.19
C PHE A 204 -14.68 -1.57 -6.37
N LYS A 205 -14.57 -2.91 -6.41
CA LYS A 205 -15.21 -3.66 -7.48
C LYS A 205 -16.70 -3.37 -7.54
N GLU A 206 -17.34 -3.23 -6.37
CA GLU A 206 -18.71 -2.78 -6.28
C GLU A 206 -18.82 -1.34 -6.73
S SO4 B . -0.92 7.86 18.04
O1 SO4 B . -2.10 8.27 18.77
O2 SO4 B . 0.24 7.81 18.94
O3 SO4 B . -0.64 8.78 16.93
O4 SO4 B . -1.16 6.54 17.48
S SO4 C . -2.84 19.26 -5.71
O1 SO4 C . -3.97 18.83 -6.46
O2 SO4 C . -2.91 18.71 -4.39
O3 SO4 C . -1.63 18.81 -6.34
O4 SO4 C . -2.83 20.69 -5.64
#